data_4OZZ
#
_entry.id   4OZZ
#
_cell.length_a   125.032
_cell.length_b   125.032
_cell.length_c   98.447
_cell.angle_alpha   90.000
_cell.angle_beta   90.000
_cell.angle_gamma   120.000
#
_symmetry.space_group_name_H-M   'P 32 2 1'
#
_entity_poly.entity_id   1
_entity_poly.type   'polypeptide(L)'
_entity_poly.pdbx_seq_one_letter_code
;EMAKPVLPDLSGYTTEAALKKIARNKPGKITVARMMEETGLKEFIGGDNKMAEWVVRQKGIPQAIMISDGYVNLQDLVKK
VPKQFLSEVSPGVYVARLPILVKETGIFEIDSKTKELRLSQEKGSFIVSEGKMLITNTSVNAWSETRNGLAAYRTPDEFR
PFVLTWGGSQTWIAKTKMASMGYNQSKSYGVSISQYNPNMAKVLKRGEPTGWIIDSEFADMWYGFYCYETRDFVVKGNTY
RDNIVYGIDPHDRSHGLIIAENDVYGTKKKHGIIISREVDNSFIFRNKSHNNKLSGVVLDRNSVGNIVAYNEIYQNHTDG
ITLYESGNNLLWGNRVIANRRHGIRVRNSVNIKLYENVAMANGLMGVYGHIKDLNDTDRDIELDPFDAQVSLIMVGGELS
SNGSGPLSIDSPLSVELYRVSMLM
;
_entity_poly.pdbx_strand_id   A
#
# COMPACT_ATOMS: atom_id res chain seq x y z
N GLU A 1 -27.10 -22.25 3.88
CA GLU A 1 -26.57 -22.01 2.54
C GLU A 1 -25.05 -22.27 2.45
N MET A 2 -24.26 -21.30 2.90
CA MET A 2 -22.82 -21.25 2.63
C MET A 2 -22.06 -21.17 3.95
N ALA A 3 -20.91 -21.84 4.02
CA ALA A 3 -20.10 -21.81 5.24
C ALA A 3 -19.35 -20.49 5.36
N LYS A 4 -19.08 -20.06 6.60
CA LYS A 4 -18.35 -18.83 6.84
C LYS A 4 -16.93 -18.92 6.22
N PRO A 5 -16.31 -17.78 5.85
CA PRO A 5 -15.05 -17.87 5.12
C PRO A 5 -13.89 -18.32 6.00
N VAL A 6 -12.92 -19.00 5.38
CA VAL A 6 -11.72 -19.43 6.09
C VAL A 6 -10.59 -18.46 5.81
N LEU A 7 -10.22 -17.70 6.82
CA LEU A 7 -9.28 -16.60 6.64
C LEU A 7 -7.92 -17.03 7.20
N PRO A 8 -6.82 -16.54 6.59
CA PRO A 8 -5.43 -16.87 6.93
C PRO A 8 -5.07 -16.71 8.42
N ASP A 9 -4.16 -17.57 8.88
CA ASP A 9 -3.65 -17.48 10.24
C ASP A 9 -2.66 -16.33 10.34
N LEU A 10 -2.92 -15.36 11.22
CA LEU A 10 -2.06 -14.17 11.35
C LEU A 10 -1.00 -14.26 12.45
N SER A 11 -0.96 -15.39 13.14
CA SER A 11 -0.19 -15.49 14.38
C SER A 11 1.31 -15.62 14.15
N GLY A 12 1.71 -16.00 12.93
CA GLY A 12 3.11 -16.15 12.60
C GLY A 12 3.77 -14.82 12.29
N TYR A 13 2.93 -13.81 12.02
CA TYR A 13 3.35 -12.48 11.57
C TYR A 13 3.73 -11.55 12.74
N THR A 14 4.99 -11.69 13.17
CA THR A 14 5.50 -11.17 14.44
C THR A 14 6.86 -10.51 14.29
N THR A 15 7.09 -9.42 15.02
CA THR A 15 8.41 -8.79 15.04
C THR A 15 9.49 -9.84 15.38
N GLU A 16 9.16 -10.76 16.28
CA GLU A 16 10.11 -11.82 16.61
C GLU A 16 10.31 -12.84 15.48
N ALA A 17 9.22 -13.21 14.80
CA ALA A 17 9.33 -14.03 13.60
C ALA A 17 10.21 -13.33 12.59
N ALA A 18 9.92 -12.05 12.34
CA ALA A 18 10.61 -11.25 11.33
C ALA A 18 12.12 -11.25 11.49
N LEU A 19 12.57 -11.04 12.72
CA LEU A 19 13.98 -10.87 13.01
C LEU A 19 14.83 -12.08 12.59
N LYS A 20 14.20 -13.25 12.55
CA LYS A 20 14.90 -14.49 12.19
C LYS A 20 14.87 -14.80 10.68
N LYS A 21 14.58 -13.79 9.85
CA LYS A 21 14.37 -13.99 8.41
C LYS A 21 15.57 -13.62 7.51
N ILE A 22 16.67 -13.18 8.11
CA ILE A 22 17.85 -12.80 7.36
C ILE A 22 19.13 -13.48 7.84
N ALA A 23 20.08 -13.67 6.92
CA ALA A 23 21.35 -14.30 7.23
C ALA A 23 22.44 -13.27 7.56
N ARG A 24 22.82 -13.20 8.83
CA ARG A 24 23.72 -12.15 9.29
C ARG A 24 25.19 -12.60 9.33
N ASN A 25 25.44 -13.84 8.96
CA ASN A 25 26.76 -14.44 9.23
C ASN A 25 27.87 -14.06 8.27
N LYS A 26 27.49 -13.81 7.02
CA LYS A 26 28.43 -13.44 5.97
C LYS A 26 28.23 -11.97 5.59
N PRO A 27 29.18 -11.10 5.97
CA PRO A 27 29.20 -9.69 5.54
C PRO A 27 29.49 -9.66 4.05
N GLY A 28 29.24 -8.57 3.32
CA GLY A 28 28.87 -7.26 3.85
C GLY A 28 29.74 -6.18 3.22
N LYS A 29 29.59 -5.95 1.92
CA LYS A 29 30.40 -4.97 1.17
C LYS A 29 29.69 -3.62 0.91
N ILE A 30 30.37 -2.52 1.17
CA ILE A 30 29.76 -1.19 1.11
C ILE A 30 30.51 -0.24 0.20
N THR A 31 29.89 0.11 -0.92
CA THR A 31 30.48 1.04 -1.87
C THR A 31 29.69 2.34 -1.89
N VAL A 32 30.31 3.41 -2.40
CA VAL A 32 29.58 4.63 -2.77
C VAL A 32 29.87 4.92 -4.24
N ALA A 33 28.92 4.55 -5.10
CA ALA A 33 29.11 4.65 -6.55
C ALA A 33 28.07 5.53 -7.23
N ARG A 34 28.23 5.72 -8.53
CA ARG A 34 27.29 6.52 -9.33
C ARG A 34 25.97 5.76 -9.57
N MET A 35 24.86 6.48 -9.49
CA MET A 35 23.54 5.86 -9.62
C MET A 35 23.30 5.25 -11.00
N MET A 36 23.84 5.87 -12.04
CA MET A 36 23.53 5.45 -13.40
C MET A 36 24.21 4.12 -13.78
N GLU A 37 25.11 3.64 -12.92
CA GLU A 37 25.77 2.35 -13.10
C GLU A 37 24.85 1.17 -12.77
N GLU A 38 23.72 1.47 -12.13
CA GLU A 38 22.88 0.44 -11.52
C GLU A 38 21.48 0.33 -12.09
N THR A 39 21.14 -0.85 -12.62
CA THR A 39 19.82 -1.15 -13.13
C THR A 39 18.69 -0.82 -12.15
N GLY A 40 18.89 -1.11 -10.87
CA GLY A 40 17.87 -0.87 -9.86
C GLY A 40 17.54 0.60 -9.64
N LEU A 41 18.34 1.48 -10.25
CA LEU A 41 18.15 2.92 -10.15
C LEU A 41 17.74 3.49 -11.50
N LYS A 42 18.29 2.91 -12.56
CA LYS A 42 17.95 3.31 -13.92
C LYS A 42 16.47 3.01 -14.18
N GLU A 43 15.94 1.99 -13.50
CA GLU A 43 14.60 1.45 -13.77
C GLU A 43 13.42 2.28 -13.29
N PHE A 44 13.69 3.39 -12.62
CA PHE A 44 12.59 4.28 -12.30
C PHE A 44 13.02 5.72 -12.58
N ILE A 45 14.29 5.88 -12.95
CA ILE A 45 14.83 7.20 -13.28
C ILE A 45 15.40 7.33 -14.70
N GLY A 46 16.66 6.90 -14.85
CA GLY A 46 17.49 7.18 -16.02
C GLY A 46 16.97 6.63 -17.33
N ASP A 48 19.48 8.56 -18.15
CA ASP A 48 20.53 9.52 -18.48
C ASP A 48 19.98 10.91 -18.79
N ASN A 49 19.01 11.00 -19.70
CA ASN A 49 18.40 12.28 -20.05
C ASN A 49 17.43 12.75 -18.98
N LYS A 50 17.59 12.21 -17.78
CA LYS A 50 16.62 12.34 -16.72
C LYS A 50 17.33 12.46 -15.36
N MET A 51 18.65 12.57 -15.41
CA MET A 51 19.50 12.62 -14.22
C MET A 51 19.78 14.05 -13.75
N ALA A 52 19.36 15.02 -14.56
CA ALA A 52 19.56 16.42 -14.25
C ALA A 52 19.04 16.77 -12.86
N GLU A 53 17.81 16.35 -12.55
CA GLU A 53 17.19 16.69 -11.27
C GLU A 53 18.03 16.19 -10.10
N TRP A 54 18.67 15.04 -10.28
CA TRP A 54 19.46 14.45 -9.20
C TRP A 54 20.83 15.11 -9.06
N VAL A 55 21.37 15.59 -10.18
CA VAL A 55 22.62 16.33 -10.17
C VAL A 55 22.42 17.62 -9.40
N VAL A 56 21.24 18.22 -9.59
CA VAL A 56 20.86 19.44 -8.88
C VAL A 56 20.74 19.21 -7.37
N ARG A 57 20.08 18.11 -7.00
CA ARG A 57 19.82 17.79 -5.61
C ARG A 57 21.11 17.45 -4.85
N GLN A 58 22.01 16.75 -5.53
CA GLN A 58 23.28 16.34 -4.93
C GLN A 58 24.41 17.36 -5.13
N LYS A 59 24.20 18.32 -6.04
CA LYS A 59 25.24 19.25 -6.47
C LYS A 59 26.49 18.48 -6.85
N GLY A 60 26.37 17.67 -7.89
CA GLY A 60 27.49 16.93 -8.45
C GLY A 60 26.96 15.72 -9.19
N ILE A 61 27.87 14.95 -9.77
CA ILE A 61 27.55 13.67 -10.40
C ILE A 61 26.84 12.75 -9.39
N PRO A 62 25.63 12.28 -9.73
CA PRO A 62 24.74 11.57 -8.80
C PRO A 62 25.21 10.19 -8.34
N GLN A 63 25.27 10.04 -7.01
CA GLN A 63 25.83 8.88 -6.32
C GLN A 63 24.86 8.26 -5.34
N ALA A 64 25.08 6.98 -5.05
CA ALA A 64 24.27 6.30 -4.05
C ALA A 64 25.14 5.50 -3.09
N ILE A 65 24.58 5.21 -1.92
CA ILE A 65 25.21 4.29 -0.99
C ILE A 65 24.72 2.92 -1.40
N MET A 66 25.65 1.98 -1.56
CA MET A 66 25.30 0.64 -2.06
C MET A 66 25.76 -0.51 -1.16
N ILE A 67 24.85 -1.43 -0.93
CA ILE A 67 25.08 -2.60 -0.11
C ILE A 67 24.90 -3.84 -0.97
N SER A 68 25.91 -4.71 -0.99
CA SER A 68 25.77 -5.98 -1.70
C SER A 68 26.71 -7.05 -1.17
N ASP A 69 26.45 -8.28 -1.59
CA ASP A 69 27.21 -9.45 -1.15
C ASP A 69 27.30 -9.56 0.38
N GLY A 70 26.20 -9.93 1.01
CA GLY A 70 26.19 -10.14 2.43
C GLY A 70 25.30 -9.22 3.25
N TYR A 71 25.77 -8.92 4.46
CA TYR A 71 24.95 -8.25 5.45
C TYR A 71 25.57 -6.95 5.90
N VAL A 72 24.72 -5.93 6.02
CA VAL A 72 25.10 -4.62 6.50
C VAL A 72 23.93 -4.06 7.31
N ASN A 73 24.19 -3.50 8.49
CA ASN A 73 23.15 -2.76 9.19
C ASN A 73 23.40 -1.27 9.11
N LEU A 74 22.46 -0.47 9.62
CA LEU A 74 22.60 0.97 9.55
C LEU A 74 23.90 1.41 10.18
N GLN A 75 24.18 0.89 11.37
CA GLN A 75 25.39 1.27 12.11
C GLN A 75 26.67 0.91 11.36
N ASP A 76 26.62 -0.19 10.60
CA ASP A 76 27.72 -0.59 9.72
C ASP A 76 27.97 0.45 8.64
N LEU A 77 26.88 0.89 8.01
CA LEU A 77 26.96 1.92 6.98
C LEU A 77 27.55 3.20 7.56
N VAL A 78 27.09 3.56 8.76
CA VAL A 78 27.51 4.80 9.40
C VAL A 78 29.02 4.89 9.55
N LYS A 79 29.63 3.78 9.97
CA LYS A 79 31.08 3.73 10.19
C LYS A 79 31.90 3.87 8.90
N LYS A 80 31.46 3.24 7.81
CA LYS A 80 32.23 3.21 6.56
C LYS A 80 31.97 4.38 5.60
N VAL A 81 30.76 4.94 5.64
CA VAL A 81 30.37 6.02 4.73
C VAL A 81 30.68 7.40 5.30
N PRO A 82 31.30 8.28 4.48
CA PRO A 82 31.65 9.65 4.88
C PRO A 82 30.52 10.41 5.57
N LYS A 83 30.87 11.20 6.57
CA LYS A 83 29.91 11.95 7.38
C LYS A 83 28.98 12.83 6.54
N GLN A 84 29.53 13.43 5.49
CA GLN A 84 28.77 14.31 4.60
C GLN A 84 27.57 13.60 3.97
N PHE A 85 27.66 12.28 3.86
CA PHE A 85 26.59 11.50 3.23
C PHE A 85 25.74 10.73 4.24
N LEU A 86 26.38 10.17 5.25
CA LEU A 86 25.64 9.53 6.32
C LEU A 86 26.15 10.05 7.66
N SER A 87 25.38 10.97 8.24
CA SER A 87 25.78 11.68 9.44
C SER A 87 24.94 11.24 10.65
N GLU A 88 25.60 11.04 11.79
CA GLU A 88 24.90 10.77 13.04
C GLU A 88 24.83 12.08 13.80
N VAL A 89 23.67 12.73 13.79
CA VAL A 89 23.53 14.10 14.31
C VAL A 89 23.32 14.14 15.82
N SER A 90 22.83 13.02 16.35
CA SER A 90 22.74 12.78 17.80
C SER A 90 22.73 11.25 17.95
N PRO A 91 22.99 10.72 19.17
CA PRO A 91 23.05 9.26 19.30
C PRO A 91 21.78 8.53 18.84
N GLY A 92 21.95 7.63 17.87
CA GLY A 92 20.84 6.88 17.30
C GLY A 92 20.08 7.62 16.21
N VAL A 93 20.48 8.85 15.91
CA VAL A 93 19.79 9.65 14.91
C VAL A 93 20.68 10.00 13.73
N TYR A 94 20.28 9.55 12.54
CA TYR A 94 21.11 9.68 11.34
C TYR A 94 20.44 10.47 10.21
N VAL A 95 21.23 11.26 9.51
CA VAL A 95 20.75 11.90 8.31
C VAL A 95 21.51 11.37 7.10
N ALA A 96 20.77 10.76 6.19
CA ALA A 96 21.32 10.27 4.94
C ALA A 96 21.19 11.34 3.86
N ARG A 97 22.27 11.60 3.16
CA ARG A 97 22.26 12.65 2.13
C ARG A 97 22.57 12.09 0.74
N LEU A 98 22.37 10.80 0.60
CA LEU A 98 22.43 10.09 -0.67
C LEU A 98 21.39 8.98 -0.57
N PRO A 99 20.83 8.56 -1.72
CA PRO A 99 19.94 7.40 -1.62
C PRO A 99 20.69 6.12 -1.23
N ILE A 100 19.98 5.15 -0.68
CA ILE A 100 20.57 3.88 -0.32
C ILE A 100 20.03 2.77 -1.18
N LEU A 101 20.90 2.10 -1.92
CA LEU A 101 20.44 0.99 -2.73
C LEU A 101 20.98 -0.31 -2.19
N VAL A 102 20.08 -1.20 -1.82
CA VAL A 102 20.45 -2.56 -1.45
C VAL A 102 20.39 -3.39 -2.71
N LYS A 103 21.54 -3.92 -3.14
CA LYS A 103 21.59 -4.67 -4.38
C LYS A 103 21.01 -6.06 -4.21
N GLU A 104 20.99 -6.84 -5.28
CA GLU A 104 20.36 -8.17 -5.27
C GLU A 104 20.93 -9.12 -4.23
N THR A 105 22.25 -9.12 -4.09
CA THR A 105 22.92 -9.98 -3.11
C THR A 105 23.08 -9.30 -1.75
N GLY A 106 22.46 -8.14 -1.60
CA GLY A 106 22.56 -7.39 -0.37
C GLY A 106 21.56 -7.88 0.63
N ILE A 107 21.88 -7.65 1.91
CA ILE A 107 20.98 -7.92 3.01
C ILE A 107 21.14 -6.74 3.96
N PHE A 108 20.12 -5.91 4.06
CA PHE A 108 20.22 -4.65 4.80
C PHE A 108 19.25 -4.62 6.00
N GLU A 109 19.77 -4.29 7.17
CA GLU A 109 18.96 -4.25 8.40
C GLU A 109 19.07 -2.94 9.19
N ILE A 110 17.91 -2.41 9.57
CA ILE A 110 17.84 -1.35 10.56
C ILE A 110 17.10 -1.93 11.75
N ASP A 111 17.70 -1.89 12.93
CA ASP A 111 17.01 -2.43 14.10
C ASP A 111 16.91 -1.42 15.23
N SER A 112 16.56 -1.89 16.43
CA SER A 112 16.28 -1.01 17.56
C SER A 112 17.44 -0.06 17.91
N LYS A 113 18.65 -0.42 17.49
CA LYS A 113 19.83 0.42 17.72
C LYS A 113 19.67 1.82 17.12
N THR A 114 18.89 1.91 16.05
CA THR A 114 18.54 3.19 15.43
C THR A 114 17.29 3.85 16.02
N LYS A 115 17.45 5.05 16.58
CA LYS A 115 16.34 5.84 17.09
C LYS A 115 15.48 6.38 15.93
N GLU A 116 16.14 6.99 14.95
CA GLU A 116 15.47 7.54 13.77
C GLU A 116 16.49 7.63 12.63
N LEU A 117 16.11 7.17 11.44
CA LEU A 117 16.90 7.45 10.24
C LEU A 117 16.17 8.48 9.38
N ARG A 118 16.78 9.66 9.24
CA ARG A 118 16.19 10.74 8.45
C ARG A 118 16.72 10.75 7.04
N LEU A 119 15.83 10.58 6.06
CA LEU A 119 16.21 10.71 4.66
C LEU A 119 16.11 12.17 4.22
N SER A 120 17.23 12.77 3.81
CA SER A 120 17.24 14.18 3.43
C SER A 120 16.44 14.40 2.15
N GLN A 121 15.49 15.33 2.22
CA GLN A 121 14.69 15.70 1.08
C GLN A 121 15.52 16.52 0.07
N GLU A 122 16.24 17.51 0.59
CA GLU A 122 17.00 18.41 -0.26
C GLU A 122 18.08 17.67 -1.07
N LYS A 123 18.72 16.68 -0.46
CA LYS A 123 19.79 15.95 -1.16
C LYS A 123 19.23 14.76 -1.96
N GLY A 124 17.90 14.63 -1.93
CA GLY A 124 17.21 13.60 -2.69
C GLY A 124 17.47 12.18 -2.26
N SER A 125 17.46 11.94 -0.95
CA SER A 125 17.69 10.60 -0.43
C SER A 125 16.43 9.74 -0.56
N PHE A 126 16.64 8.42 -0.66
CA PHE A 126 15.55 7.45 -0.73
C PHE A 126 16.12 6.05 -0.64
N ILE A 127 15.26 5.06 -0.50
CA ILE A 127 15.75 3.69 -0.35
C ILE A 127 15.18 2.77 -1.43
N VAL A 128 16.07 2.05 -2.10
CA VAL A 128 15.65 0.99 -3.02
C VAL A 128 16.36 -0.31 -2.65
N SER A 129 15.61 -1.40 -2.57
CA SER A 129 16.21 -2.71 -2.32
C SER A 129 15.87 -3.75 -3.40
N GLU A 130 16.91 -4.33 -4.01
CA GLU A 130 16.75 -5.40 -4.98
C GLU A 130 16.90 -6.76 -4.26
N GLY A 131 17.11 -6.71 -2.95
CA GLY A 131 17.43 -7.90 -2.16
C GLY A 131 16.67 -8.05 -0.85
N LYS A 132 17.37 -8.45 0.20
CA LYS A 132 16.73 -8.65 1.51
C LYS A 132 16.88 -7.41 2.40
N MET A 133 15.77 -7.00 3.01
CA MET A 133 15.74 -5.82 3.87
C MET A 133 14.79 -6.02 5.05
N LEU A 134 15.27 -5.72 6.26
CA LEU A 134 14.46 -5.85 7.48
C LEU A 134 14.59 -4.59 8.32
N ILE A 135 13.45 -4.00 8.67
CA ILE A 135 13.42 -2.74 9.42
C ILE A 135 12.50 -2.94 10.62
N THR A 136 13.07 -2.92 11.82
CA THR A 136 12.31 -3.25 13.04
C THR A 136 12.57 -2.29 14.18
N ASN A 137 11.52 -1.96 14.93
CA ASN A 137 11.63 -1.11 16.11
C ASN A 137 12.38 0.19 15.88
N THR A 138 11.87 1.03 14.99
CA THR A 138 12.57 2.26 14.67
C THR A 138 11.74 3.26 13.88
N SER A 139 12.39 4.34 13.46
CA SER A 139 11.74 5.34 12.64
C SER A 139 12.55 5.62 11.39
N VAL A 140 11.89 5.59 10.24
CA VAL A 140 12.48 6.06 8.98
C VAL A 140 11.59 7.14 8.39
N ASN A 141 12.06 8.38 8.40
CA ASN A 141 11.21 9.52 8.02
C ASN A 141 11.78 10.38 6.92
N ALA A 142 10.91 10.90 6.07
CA ALA A 142 11.32 11.88 5.06
C ALA A 142 11.53 13.22 5.75
N TRP A 143 12.75 13.71 5.66
CA TRP A 143 13.18 14.79 6.52
C TRP A 143 13.64 16.04 5.74
N SER A 144 12.99 17.16 6.01
CA SER A 144 13.43 18.46 5.50
C SER A 144 14.53 19.04 6.36
N GLU A 145 15.72 19.21 5.79
CA GLU A 145 16.82 19.83 6.50
C GLU A 145 16.57 21.32 6.68
N THR A 146 15.91 21.92 5.69
CA THR A 146 15.57 23.34 5.73
C THR A 146 14.59 23.62 6.86
N ARG A 147 13.44 22.94 6.83
CA ARG A 147 12.43 23.10 7.86
C ARG A 147 12.86 22.53 9.23
N ASN A 148 13.95 21.78 9.26
CA ASN A 148 14.36 21.02 10.46
C ASN A 148 13.23 20.14 11.03
N GLY A 149 12.64 19.32 10.17
CA GLY A 149 11.52 18.50 10.58
C GLY A 149 11.10 17.59 9.46
N LEU A 150 9.93 16.99 9.61
CA LEU A 150 9.39 16.12 8.58
C LEU A 150 9.13 16.90 7.31
N ALA A 151 9.40 16.25 6.17
CA ALA A 151 9.08 16.81 4.87
C ALA A 151 7.57 16.78 4.65
N ALA A 152 6.86 17.59 5.43
CA ALA A 152 5.41 17.65 5.39
C ALA A 152 4.90 17.97 3.99
N TYR A 153 3.77 17.37 3.65
CA TYR A 153 3.21 17.46 2.31
C TYR A 153 2.75 18.86 1.92
N ARG A 154 3.18 19.33 0.75
CA ARG A 154 2.78 20.64 0.23
C ARG A 154 2.11 20.57 -1.14
N THR A 155 2.73 19.82 -2.07
CA THR A 155 2.24 19.67 -3.45
C THR A 155 2.66 18.32 -4.05
N PRO A 156 1.88 17.83 -5.03
CA PRO A 156 2.11 16.51 -5.63
C PRO A 156 3.47 16.31 -6.27
N ASP A 157 3.96 17.31 -6.99
CA ASP A 157 5.15 17.11 -7.80
C ASP A 157 6.46 17.40 -7.08
N GLU A 158 6.36 17.86 -5.83
CA GLU A 158 7.55 18.10 -5.03
C GLU A 158 8.08 16.80 -4.46
N PHE A 159 9.28 16.44 -4.90
CA PHE A 159 9.95 15.26 -4.41
C PHE A 159 9.95 15.12 -2.88
N ARG A 160 9.68 13.91 -2.41
CA ARG A 160 9.97 13.48 -1.04
C ARG A 160 10.57 12.09 -1.05
N PRO A 161 11.47 11.80 -0.10
CA PRO A 161 12.05 10.47 0.03
C PRO A 161 10.99 9.37 0.12
N PHE A 162 11.36 8.17 -0.30
CA PHE A 162 10.42 7.07 -0.33
C PHE A 162 11.19 5.78 -0.18
N VAL A 163 10.47 4.69 0.09
CA VAL A 163 11.04 3.35 0.02
C VAL A 163 10.42 2.64 -1.18
N LEU A 164 11.25 1.99 -1.97
CA LEU A 164 10.76 1.16 -3.07
C LEU A 164 11.51 -0.18 -3.09
N THR A 165 10.82 -1.26 -3.40
CA THR A 165 11.51 -2.55 -3.56
C THR A 165 11.19 -3.16 -4.93
N TRP A 166 12.17 -3.83 -5.51
CA TRP A 166 12.05 -4.41 -6.85
C TRP A 166 11.73 -5.92 -6.88
N GLY A 167 11.58 -6.45 -8.09
CA GLY A 167 11.30 -7.86 -8.26
C GLY A 167 12.42 -8.72 -7.73
N GLY A 168 12.09 -9.90 -7.23
CA GLY A 168 13.07 -10.80 -6.65
C GLY A 168 13.39 -10.50 -5.19
N SER A 169 12.89 -9.38 -4.70
CA SER A 169 13.21 -8.93 -3.34
C SER A 169 12.25 -9.45 -2.26
N GLN A 170 12.62 -9.19 -1.01
CA GLN A 170 11.88 -9.63 0.19
C GLN A 170 12.13 -8.64 1.30
N THR A 171 11.05 -8.21 1.95
CA THR A 171 11.09 -7.02 2.80
C THR A 171 10.23 -7.22 4.04
N TRP A 172 10.80 -6.95 5.21
CA TRP A 172 10.02 -7.06 6.43
C TRP A 172 10.18 -5.79 7.26
N ILE A 173 9.06 -5.14 7.53
CA ILE A 173 9.05 -3.94 8.34
C ILE A 173 8.16 -4.23 9.54
N ALA A 174 8.69 -3.98 10.73
CA ALA A 174 7.92 -4.28 11.93
C ALA A 174 8.15 -3.28 13.06
N LYS A 175 7.07 -2.91 13.74
CA LYS A 175 7.16 -1.99 14.88
C LYS A 175 7.92 -0.71 14.51
N THR A 176 7.73 -0.26 13.27
CA THR A 176 8.46 0.87 12.74
C THR A 176 7.50 2.04 12.45
N LYS A 177 7.96 3.26 12.68
CA LYS A 177 7.20 4.46 12.33
C LYS A 177 7.77 5.09 11.04
N MET A 178 6.91 5.52 10.12
CA MET A 178 7.38 6.25 8.92
C MET A 178 6.43 7.38 8.57
N ALA A 179 6.98 8.53 8.20
CA ALA A 179 6.17 9.70 7.84
C ALA A 179 6.64 10.51 6.62
N SER A 180 5.68 11.18 6.00
CA SER A 180 5.95 12.22 5.01
C SER A 180 6.70 11.73 3.76
N MET A 181 6.55 10.45 3.44
CA MET A 181 7.23 9.86 2.30
C MET A 181 6.39 9.90 1.02
N GLY A 182 7.06 10.05 -0.11
CA GLY A 182 6.43 9.84 -1.40
C GLY A 182 5.79 11.06 -2.03
N TYR A 183 5.59 10.98 -3.35
CA TYR A 183 5.03 12.08 -4.13
C TYR A 183 4.52 11.57 -5.48
N ASN A 184 4.05 12.49 -6.33
CA ASN A 184 3.43 12.14 -7.61
C ASN A 184 4.42 11.78 -8.72
N GLN A 185 4.91 10.55 -8.67
CA GLN A 185 6.04 10.11 -9.50
C GLN A 185 6.17 8.59 -9.44
N SER A 186 6.34 7.97 -10.59
CA SER A 186 6.30 6.52 -10.73
C SER A 186 7.20 5.81 -9.73
N LYS A 187 6.66 4.73 -9.17
CA LYS A 187 7.33 3.91 -8.15
C LYS A 187 7.83 4.72 -6.92
N SER A 188 7.36 5.95 -6.76
CA SER A 188 7.80 6.83 -5.65
C SER A 188 6.69 7.23 -4.67
N TYR A 189 5.64 6.43 -4.62
CA TYR A 189 4.43 6.86 -3.94
C TYR A 189 4.56 6.94 -2.42
N GLY A 190 5.50 6.18 -1.85
CA GLY A 190 5.71 6.18 -0.40
C GLY A 190 6.48 4.97 0.15
N VAL A 191 5.78 3.85 0.30
CA VAL A 191 6.42 2.55 0.44
C VAL A 191 5.85 1.69 -0.67
N SER A 192 6.69 1.29 -1.62
CA SER A 192 6.22 0.71 -2.87
C SER A 192 6.91 -0.63 -3.15
N ILE A 193 6.12 -1.69 -3.25
CA ILE A 193 6.63 -3.02 -3.55
C ILE A 193 6.35 -3.35 -5.02
N SER A 194 7.39 -3.62 -5.82
CA SER A 194 7.16 -3.70 -7.25
C SER A 194 7.92 -4.80 -8.00
N GLN A 195 7.24 -5.47 -8.93
CA GLN A 195 7.93 -6.19 -9.98
C GLN A 195 8.60 -5.14 -10.88
N TYR A 196 9.54 -5.57 -11.72
CA TYR A 196 10.19 -4.64 -12.64
C TYR A 196 9.25 -4.17 -13.75
N ASN A 197 9.57 -3.03 -14.35
CA ASN A 197 8.84 -2.56 -15.52
C ASN A 197 8.85 -3.64 -16.57
N PRO A 198 7.68 -3.92 -17.17
CA PRO A 198 7.45 -5.08 -18.05
C PRO A 198 8.59 -5.43 -19.01
N ASN A 199 9.35 -4.43 -19.47
CA ASN A 199 10.53 -4.70 -20.30
C ASN A 199 11.65 -5.40 -19.53
N MET A 200 12.09 -4.77 -18.44
CA MET A 200 13.20 -5.28 -17.63
C MET A 200 12.90 -6.63 -16.98
N ALA A 201 11.62 -6.91 -16.74
CA ALA A 201 11.21 -8.20 -16.18
C ALA A 201 11.41 -9.32 -17.20
N LYS A 202 11.23 -8.99 -18.48
CA LYS A 202 11.53 -9.92 -19.58
C LYS A 202 12.98 -10.39 -19.51
N VAL A 203 13.90 -9.45 -19.26
CA VAL A 203 15.33 -9.74 -19.17
C VAL A 203 15.75 -10.36 -17.83
N LEU A 204 15.43 -9.70 -16.73
CA LEU A 204 15.87 -10.16 -15.40
C LEU A 204 15.24 -11.49 -14.96
N LYS A 205 13.98 -11.71 -15.35
CA LYS A 205 13.24 -12.94 -15.01
C LYS A 205 13.20 -13.25 -13.50
N ARG A 206 13.26 -12.21 -12.67
CA ARG A 206 13.14 -12.37 -11.22
C ARG A 206 11.69 -12.69 -10.82
N GLY A 207 11.53 -13.26 -9.64
CA GLY A 207 10.21 -13.61 -9.15
C GLY A 207 9.51 -12.36 -8.65
N GLU A 208 8.20 -12.43 -8.51
CA GLU A 208 7.44 -11.31 -7.96
C GLU A 208 7.92 -11.02 -6.54
N PRO A 209 7.96 -9.73 -6.17
CA PRO A 209 8.47 -9.35 -4.85
C PRO A 209 7.51 -9.73 -3.72
N THR A 210 8.03 -9.78 -2.51
CA THR A 210 7.18 -10.11 -1.36
C THR A 210 7.71 -9.61 -0.01
N GLY A 211 6.93 -9.88 1.04
CA GLY A 211 7.31 -9.53 2.41
C GLY A 211 6.16 -9.18 3.34
N TRP A 212 6.49 -8.66 4.51
CA TRP A 212 5.47 -8.22 5.45
C TRP A 212 5.67 -6.78 5.86
N ILE A 213 4.57 -6.06 6.08
CA ILE A 213 4.58 -4.82 6.84
C ILE A 213 3.66 -4.96 8.06
N ILE A 214 4.26 -4.95 9.24
CA ILE A 214 3.57 -5.39 10.44
C ILE A 214 3.68 -4.39 11.60
N ASP A 215 2.54 -4.10 12.23
CA ASP A 215 2.51 -3.35 13.49
C ASP A 215 3.29 -2.06 13.42
N SER A 216 3.21 -1.42 12.26
CA SER A 216 3.94 -0.20 12.00
C SER A 216 2.95 0.95 11.82
N GLU A 217 3.46 2.16 11.72
CA GLU A 217 2.55 3.28 11.55
C GLU A 217 3.02 4.12 10.37
N PHE A 218 2.08 4.51 9.51
CA PHE A 218 2.41 5.35 8.34
C PHE A 218 1.53 6.61 8.24
N ALA A 219 2.16 7.77 8.42
CA ALA A 219 1.47 9.06 8.32
C ALA A 219 2.03 9.94 7.19
N ASP A 220 1.16 10.81 6.67
CA ASP A 220 1.53 11.82 5.67
C ASP A 220 2.15 11.25 4.39
N MET A 221 1.86 9.99 4.09
CA MET A 221 2.44 9.38 2.92
C MET A 221 1.63 9.84 1.74
N TRP A 222 2.24 9.87 0.56
CA TRP A 222 1.48 10.15 -0.65
C TRP A 222 0.49 8.99 -0.86
N TYR A 223 1.01 7.76 -0.95
CA TYR A 223 0.21 6.55 -0.71
C TYR A 223 0.86 5.86 0.49
N GLY A 224 0.04 5.38 1.42
CA GLY A 224 0.59 4.67 2.57
C GLY A 224 1.32 3.40 2.13
N PHE A 225 0.67 2.57 1.34
CA PHE A 225 1.29 1.37 0.79
C PHE A 225 0.94 1.29 -0.69
N TYR A 226 1.90 0.84 -1.49
CA TYR A 226 1.62 0.60 -2.91
C TYR A 226 2.32 -0.66 -3.34
N CYS A 227 1.70 -1.41 -4.24
CA CYS A 227 2.40 -2.55 -4.82
C CYS A 227 1.94 -2.82 -6.23
N TYR A 228 2.82 -3.49 -6.98
CA TYR A 228 2.62 -3.77 -8.39
C TYR A 228 3.13 -5.20 -8.60
N GLU A 229 2.29 -6.04 -9.18
CA GLU A 229 2.60 -7.45 -9.43
C GLU A 229 3.35 -8.11 -8.27
N THR A 230 2.74 -8.01 -7.08
CA THR A 230 3.32 -8.53 -5.86
C THR A 230 2.58 -9.79 -5.41
N ARG A 231 3.30 -10.78 -4.89
CA ARG A 231 2.66 -12.00 -4.39
C ARG A 231 2.69 -12.09 -2.88
N ASP A 232 1.54 -12.43 -2.30
CA ASP A 232 1.45 -12.89 -0.92
C ASP A 232 1.96 -11.91 0.11
N PHE A 233 1.96 -10.63 -0.21
CA PHE A 233 2.38 -9.62 0.76
C PHE A 233 1.40 -9.52 1.94
N VAL A 234 1.94 -9.26 3.12
CA VAL A 234 1.14 -9.23 4.34
C VAL A 234 1.17 -7.83 4.94
N VAL A 235 0.01 -7.20 5.05
CA VAL A 235 -0.09 -5.92 5.73
C VAL A 235 -0.97 -6.08 6.98
N LYS A 236 -0.36 -6.35 8.13
CA LYS A 236 -1.10 -6.61 9.37
C LYS A 236 -0.78 -5.65 10.53
N GLY A 237 -1.82 -5.13 11.20
CA GLY A 237 -1.65 -4.44 12.47
C GLY A 237 -1.10 -3.04 12.39
N ASN A 238 -1.24 -2.43 11.22
CA ASN A 238 -0.65 -1.13 10.99
C ASN A 238 -1.68 -0.03 11.18
N THR A 239 -1.18 1.17 11.49
CA THR A 239 -1.98 2.38 11.43
C THR A 239 -1.59 3.20 10.19
N TYR A 240 -2.57 3.48 9.35
CA TYR A 240 -2.37 4.43 8.29
C TYR A 240 -3.17 5.66 8.64
N ARG A 241 -2.49 6.71 9.08
CA ARG A 241 -3.16 7.95 9.48
C ARG A 241 -2.82 9.16 8.58
N ASP A 242 -3.86 9.88 8.16
CA ASP A 242 -3.72 11.21 7.60
C ASP A 242 -2.80 11.22 6.40
N ASN A 243 -2.93 10.18 5.57
CA ASN A 243 -2.18 10.13 4.33
C ASN A 243 -2.87 10.90 3.24
N ILE A 244 -2.14 11.19 2.17
CA ILE A 244 -2.61 12.16 1.20
C ILE A 244 -3.62 11.58 0.23
N VAL A 245 -3.25 10.53 -0.50
CA VAL A 245 -4.15 10.05 -1.56
C VAL A 245 -4.84 8.74 -1.22
N TYR A 246 -4.06 7.72 -0.86
CA TYR A 246 -4.64 6.47 -0.37
C TYR A 246 -3.94 6.03 0.89
N GLY A 247 -4.66 5.26 1.70
CA GLY A 247 -4.04 4.60 2.83
C GLY A 247 -3.25 3.41 2.30
N ILE A 248 -3.96 2.39 1.83
CA ILE A 248 -3.33 1.18 1.35
C ILE A 248 -3.76 0.94 -0.09
N ASP A 249 -2.81 0.88 -1.01
CA ASP A 249 -3.14 0.89 -2.42
C ASP A 249 -2.48 -0.24 -3.24
N PRO A 250 -2.87 -1.50 -2.97
CA PRO A 250 -2.27 -2.57 -3.79
C PRO A 250 -2.78 -2.57 -5.23
N HIS A 251 -1.91 -2.86 -6.19
CA HIS A 251 -2.23 -2.58 -7.58
C HIS A 251 -1.77 -3.63 -8.58
N ASP A 252 -2.36 -3.54 -9.77
CA ASP A 252 -1.81 -4.13 -10.99
C ASP A 252 -1.35 -5.58 -10.89
N ARG A 253 -2.30 -6.50 -10.94
CA ARG A 253 -1.99 -7.92 -11.01
C ARG A 253 -1.30 -8.50 -9.75
N SER A 254 -1.50 -7.87 -8.59
CA SER A 254 -1.02 -8.44 -7.34
C SER A 254 -2.04 -9.51 -6.91
N HIS A 255 -1.65 -10.39 -5.98
CA HIS A 255 -2.47 -11.55 -5.67
C HIS A 255 -2.05 -12.30 -4.39
N GLY A 256 -3.04 -12.86 -3.68
CA GLY A 256 -2.78 -13.61 -2.47
C GLY A 256 -2.36 -12.74 -1.29
N LEU A 257 -2.75 -11.47 -1.33
CA LEU A 257 -2.39 -10.48 -0.32
C LEU A 257 -3.16 -10.66 0.99
N ILE A 258 -2.51 -10.36 2.11
CA ILE A 258 -3.19 -10.35 3.40
C ILE A 258 -3.20 -8.96 4.03
N ILE A 259 -4.32 -8.26 3.92
CA ILE A 259 -4.48 -6.95 4.55
C ILE A 259 -5.45 -7.06 5.72
N ALA A 260 -4.90 -7.08 6.93
CA ALA A 260 -5.69 -7.49 8.11
C ALA A 260 -5.37 -6.68 9.37
N GLU A 261 -6.40 -6.37 10.14
CA GLU A 261 -6.24 -5.72 11.44
C GLU A 261 -5.49 -4.40 11.35
N ASN A 262 -5.65 -3.68 10.25
CA ASN A 262 -5.11 -2.34 10.12
C ASN A 262 -6.13 -1.30 10.54
N ASP A 263 -5.64 -0.16 11.00
CA ASP A 263 -6.49 1.00 11.28
C ASP A 263 -6.11 2.06 10.26
N VAL A 264 -7.00 2.29 9.30
CA VAL A 264 -6.76 3.23 8.20
C VAL A 264 -7.73 4.39 8.28
N TYR A 265 -7.22 5.59 8.49
CA TYR A 265 -8.13 6.73 8.57
C TYR A 265 -7.50 8.04 8.13
N GLY A 266 -8.34 9.07 8.03
CA GLY A 266 -7.86 10.42 7.84
C GLY A 266 -7.29 10.72 6.47
N THR A 267 -7.55 9.85 5.50
CA THR A 267 -6.98 10.01 4.17
C THR A 267 -7.56 11.26 3.57
N LYS A 268 -6.68 12.13 3.09
CA LYS A 268 -7.07 13.49 2.76
C LYS A 268 -7.78 13.65 1.41
N LYS A 269 -7.36 12.90 0.39
CA LYS A 269 -7.97 13.02 -0.94
C LYS A 269 -8.87 11.85 -1.38
N LYS A 270 -8.38 10.62 -1.35
CA LYS A 270 -9.18 9.48 -1.84
C LYS A 270 -9.50 8.41 -0.77
N HIS A 271 -9.28 7.14 -1.07
CA HIS A 271 -9.75 6.05 -0.20
C HIS A 271 -8.79 5.59 0.89
N GLY A 272 -9.34 4.84 1.84
CA GLY A 272 -8.53 4.23 2.87
C GLY A 272 -7.79 3.03 2.28
N ILE A 273 -8.55 2.05 1.81
CA ILE A 273 -7.96 0.84 1.28
C ILE A 273 -8.56 0.64 -0.08
N ILE A 274 -7.69 0.50 -1.08
CA ILE A 274 -8.16 0.22 -2.43
C ILE A 274 -7.27 -0.81 -3.09
N ILE A 275 -7.89 -1.85 -3.64
CA ILE A 275 -7.18 -2.79 -4.50
C ILE A 275 -7.65 -2.53 -5.93
N SER A 276 -6.72 -2.47 -6.88
CA SER A 276 -7.08 -2.02 -8.22
C SER A 276 -6.33 -2.71 -9.36
N ARG A 277 -7.09 -3.09 -10.38
CA ARG A 277 -6.54 -3.64 -11.63
C ARG A 277 -5.98 -5.04 -11.44
N GLU A 278 -6.90 -6.01 -11.46
CA GLU A 278 -6.58 -7.42 -11.28
C GLU A 278 -5.85 -7.82 -9.97
N VAL A 279 -6.11 -7.11 -8.87
CA VAL A 279 -5.67 -7.57 -7.56
C VAL A 279 -6.61 -8.69 -7.11
N ASP A 280 -6.19 -9.93 -7.33
CA ASP A 280 -7.07 -11.08 -7.16
C ASP A 280 -6.74 -11.94 -5.93
N ASN A 281 -7.69 -12.78 -5.54
CA ASN A 281 -7.47 -13.85 -4.56
C ASN A 281 -6.82 -13.39 -3.26
N SER A 282 -7.30 -12.26 -2.75
CA SER A 282 -6.70 -11.63 -1.59
C SER A 282 -7.71 -11.53 -0.46
N PHE A 283 -7.22 -11.09 0.69
CA PHE A 283 -8.02 -11.10 1.89
C PHE A 283 -7.96 -9.76 2.59
N ILE A 284 -9.12 -9.12 2.73
CA ILE A 284 -9.22 -7.86 3.45
C ILE A 284 -10.15 -8.04 4.62
N PHE A 285 -9.59 -8.23 5.81
CA PHE A 285 -10.40 -8.60 6.95
C PHE A 285 -9.96 -8.01 8.28
N ARG A 286 -10.97 -7.73 9.10
CA ARG A 286 -10.82 -7.19 10.44
C ARG A 286 -10.06 -5.87 10.49
N ASN A 287 -10.30 -5.02 9.49
CA ASN A 287 -9.72 -3.68 9.43
C ASN A 287 -10.69 -2.59 9.91
N LYS A 288 -10.14 -1.55 10.50
CA LYS A 288 -10.91 -0.34 10.75
C LYS A 288 -10.55 0.64 9.63
N SER A 289 -11.49 0.89 8.72
CA SER A 289 -11.29 1.91 7.71
C SER A 289 -12.36 2.98 7.85
N HIS A 290 -11.96 4.11 8.42
CA HIS A 290 -12.92 5.14 8.77
C HIS A 290 -12.38 6.52 8.44
N ASN A 291 -13.30 7.45 8.20
CA ASN A 291 -12.96 8.86 8.10
C ASN A 291 -12.04 9.28 6.95
N ASN A 292 -12.15 8.58 5.83
CA ASN A 292 -11.37 8.94 4.67
C ASN A 292 -12.17 9.89 3.75
N LYS A 293 -11.47 10.70 2.95
CA LYS A 293 -12.17 11.69 2.11
C LYS A 293 -13.15 11.06 1.11
N LEU A 294 -12.84 9.85 0.66
CA LEU A 294 -13.74 9.12 -0.24
C LEU A 294 -14.38 7.87 0.39
N SER A 295 -13.97 6.69 -0.06
CA SER A 295 -14.54 5.45 0.46
C SER A 295 -13.67 4.76 1.50
N GLY A 296 -14.27 3.88 2.29
CA GLY A 296 -13.53 3.10 3.24
C GLY A 296 -12.68 2.03 2.56
N VAL A 297 -13.33 1.17 1.80
CA VAL A 297 -12.65 0.08 1.10
C VAL A 297 -13.13 0.01 -0.34
N VAL A 298 -12.21 -0.11 -1.29
CA VAL A 298 -12.57 -0.19 -2.70
C VAL A 298 -11.90 -1.37 -3.42
N LEU A 299 -12.72 -2.12 -4.15
CA LEU A 299 -12.21 -3.12 -5.08
C LEU A 299 -12.50 -2.61 -6.51
N ASP A 300 -11.45 -2.43 -7.32
CA ASP A 300 -11.54 -1.71 -8.58
C ASP A 300 -10.87 -2.44 -9.74
N ARG A 301 -11.48 -2.31 -10.92
CA ARG A 301 -10.89 -2.76 -12.18
C ARG A 301 -10.57 -4.25 -12.17
N ASN A 302 -11.62 -5.06 -12.25
CA ASN A 302 -11.47 -6.50 -12.42
C ASN A 302 -10.60 -7.14 -11.35
N SER A 303 -10.74 -6.67 -10.11
CA SER A 303 -10.11 -7.32 -8.98
C SER A 303 -11.08 -8.37 -8.46
N VAL A 304 -10.71 -9.63 -8.57
CA VAL A 304 -11.67 -10.71 -8.38
C VAL A 304 -11.21 -11.86 -7.45
N GLY A 305 -12.17 -12.62 -6.95
CA GLY A 305 -11.87 -13.75 -6.09
C GLY A 305 -11.39 -13.35 -4.70
N ASN A 306 -11.80 -12.18 -4.23
CA ASN A 306 -11.31 -11.67 -2.96
C ASN A 306 -12.31 -11.88 -1.84
N ILE A 307 -11.84 -11.76 -0.60
CA ILE A 307 -12.71 -11.84 0.56
C ILE A 307 -12.53 -10.62 1.43
N VAL A 308 -13.61 -9.85 1.55
CA VAL A 308 -13.66 -8.68 2.43
C VAL A 308 -14.52 -9.04 3.64
N ALA A 309 -13.88 -9.32 4.77
CA ALA A 309 -14.59 -9.93 5.89
C ALA A 309 -14.44 -9.18 7.20
N TYR A 310 -15.52 -8.99 7.93
CA TYR A 310 -15.45 -8.49 9.31
C TYR A 310 -14.73 -7.16 9.51
N ASN A 311 -14.78 -6.28 8.49
CA ASN A 311 -14.16 -4.96 8.59
C ASN A 311 -15.08 -3.92 9.24
N GLU A 312 -14.48 -2.98 9.97
CA GLU A 312 -15.27 -1.94 10.62
C GLU A 312 -15.13 -0.74 9.71
N ILE A 313 -16.15 -0.50 8.90
CA ILE A 313 -16.10 0.58 7.91
C ILE A 313 -17.13 1.69 8.18
N TYR A 314 -16.63 2.80 8.69
CA TYR A 314 -17.52 3.80 9.24
C TYR A 314 -17.08 5.24 8.97
N GLN A 315 -18.06 6.12 8.78
CA GLN A 315 -17.82 7.56 8.74
C GLN A 315 -16.91 8.02 7.63
N ASN A 316 -16.86 7.27 6.52
CA ASN A 316 -16.14 7.75 5.36
C ASN A 316 -16.98 8.78 4.62
N HIS A 317 -16.36 9.61 3.81
CA HIS A 317 -17.08 10.78 3.31
C HIS A 317 -17.91 10.49 2.08
N THR A 318 -17.67 9.33 1.48
CA THR A 318 -18.59 8.79 0.48
C THR A 318 -19.08 7.40 0.92
N ASP A 319 -18.86 6.41 0.06
CA ASP A 319 -19.34 5.06 0.32
C ASP A 319 -18.57 4.39 1.46
N GLY A 320 -19.18 3.36 2.05
CA GLY A 320 -18.47 2.52 2.98
C GLY A 320 -17.55 1.60 2.21
N ILE A 321 -18.13 0.73 1.39
CA ILE A 321 -17.40 -0.10 0.44
C ILE A 321 -17.90 0.20 -0.97
N THR A 322 -16.99 0.29 -1.94
CA THR A 322 -17.40 0.44 -3.33
C THR A 322 -16.74 -0.63 -4.18
N LEU A 323 -17.55 -1.38 -4.94
CA LEU A 323 -17.01 -2.30 -5.93
C LEU A 323 -17.16 -1.69 -7.33
N TYR A 324 -16.03 -1.52 -8.01
CA TYR A 324 -16.02 -0.98 -9.36
C TYR A 324 -15.56 -2.05 -10.34
N GLU A 325 -16.50 -2.56 -11.14
CA GLU A 325 -16.18 -3.52 -12.21
C GLU A 325 -15.25 -4.61 -11.70
N SER A 326 -15.58 -5.09 -10.52
CA SER A 326 -14.79 -6.12 -9.85
C SER A 326 -15.77 -7.17 -9.36
N GLY A 327 -16.06 -8.13 -10.24
CA GLY A 327 -17.07 -9.13 -9.97
C GLY A 327 -16.49 -10.33 -9.24
N ASN A 328 -17.38 -11.24 -8.88
CA ASN A 328 -16.99 -12.48 -8.21
C ASN A 328 -16.21 -12.30 -6.93
N ASN A 329 -16.69 -11.40 -6.07
CA ASN A 329 -16.07 -11.18 -4.74
C ASN A 329 -17.04 -11.49 -3.60
N LEU A 330 -16.48 -11.82 -2.44
CA LEU A 330 -17.33 -12.12 -1.28
C LEU A 330 -17.17 -11.08 -0.19
N LEU A 331 -18.27 -10.47 0.19
CA LEU A 331 -18.28 -9.55 1.33
C LEU A 331 -19.03 -10.21 2.48
N TRP A 332 -18.29 -10.61 3.51
CA TRP A 332 -18.89 -11.32 4.62
C TRP A 332 -18.77 -10.57 5.94
N GLY A 333 -19.91 -10.30 6.56
CA GLY A 333 -19.93 -9.82 7.92
C GLY A 333 -19.23 -8.51 8.18
N ASN A 334 -19.30 -7.58 7.24
CA ASN A 334 -18.74 -6.28 7.47
C ASN A 334 -19.76 -5.43 8.21
N ARG A 335 -19.27 -4.56 9.08
CA ARG A 335 -20.15 -3.63 9.76
C ARG A 335 -19.90 -2.24 9.19
N VAL A 336 -20.81 -1.82 8.32
CA VAL A 336 -20.64 -0.63 7.51
C VAL A 336 -21.56 0.48 8.02
N ILE A 337 -21.00 1.48 8.70
CA ILE A 337 -21.80 2.32 9.58
C ILE A 337 -21.62 3.80 9.37
N ALA A 338 -22.71 4.53 9.17
CA ALA A 338 -22.68 5.99 9.12
C ALA A 338 -21.63 6.58 8.17
N ASN A 339 -21.51 6.00 6.99
CA ASN A 339 -20.76 6.66 5.93
C ASN A 339 -21.67 7.70 5.29
N ARG A 340 -21.10 8.76 4.73
CA ARG A 340 -21.94 9.86 4.23
C ARG A 340 -22.81 9.50 3.02
N ARG A 341 -22.35 8.54 2.22
CA ARG A 341 -23.16 8.09 1.10
C ARG A 341 -23.70 6.68 1.30
N HIS A 342 -23.31 5.74 0.45
CA HIS A 342 -23.89 4.41 0.52
C HIS A 342 -23.04 3.51 1.39
N GLY A 343 -23.68 2.53 2.01
CA GLY A 343 -22.97 1.57 2.81
C GLY A 343 -22.08 0.70 1.94
N ILE A 344 -22.73 -0.02 1.04
CA ILE A 344 -22.02 -0.87 0.10
C ILE A 344 -22.57 -0.53 -1.27
N ARG A 345 -21.69 -0.11 -2.17
CA ARG A 345 -22.10 0.20 -3.54
C ARG A 345 -21.43 -0.75 -4.52
N VAL A 346 -22.23 -1.34 -5.40
CA VAL A 346 -21.70 -2.22 -6.43
C VAL A 346 -21.99 -1.67 -7.83
N ARG A 347 -20.95 -1.25 -8.55
CA ARG A 347 -21.11 -0.78 -9.93
C ARG A 347 -20.54 -1.77 -10.93
N ASN A 348 -21.31 -2.10 -11.97
CA ASN A 348 -20.87 -2.97 -13.06
C ASN A 348 -20.13 -4.24 -12.60
N SER A 349 -20.66 -4.92 -11.59
CA SER A 349 -20.02 -6.13 -11.07
C SER A 349 -21.04 -7.24 -10.93
N VAL A 350 -20.64 -8.46 -11.28
CA VAL A 350 -21.58 -9.58 -11.21
C VAL A 350 -21.11 -10.62 -10.22
N ASN A 351 -22.03 -11.49 -9.82
CA ASN A 351 -21.79 -12.50 -8.78
C ASN A 351 -21.12 -11.98 -7.51
N ILE A 352 -21.55 -10.82 -7.05
CA ILE A 352 -21.14 -10.36 -5.74
C ILE A 352 -21.97 -11.10 -4.71
N LYS A 353 -21.30 -11.70 -3.73
CA LYS A 353 -21.99 -12.31 -2.60
C LYS A 353 -21.87 -11.40 -1.38
N LEU A 354 -23.01 -10.83 -0.96
CA LEU A 354 -23.09 -10.06 0.27
C LEU A 354 -23.75 -10.88 1.38
N TYR A 355 -22.93 -11.54 2.19
CA TYR A 355 -23.40 -12.37 3.31
C TYR A 355 -23.14 -11.74 4.69
N GLU A 356 -24.19 -11.63 5.48
CA GLU A 356 -24.10 -11.21 6.89
C GLU A 356 -23.61 -9.78 7.12
N ASN A 357 -23.72 -8.92 6.12
CA ASN A 357 -23.29 -7.54 6.30
C ASN A 357 -24.28 -6.75 7.13
N VAL A 358 -23.81 -5.70 7.78
CA VAL A 358 -24.67 -4.86 8.55
C VAL A 358 -24.41 -3.48 8.01
N ALA A 359 -25.46 -2.85 7.49
CA ALA A 359 -25.37 -1.53 6.88
C ALA A 359 -26.32 -0.58 7.57
N MET A 360 -25.77 0.25 8.46
CA MET A 360 -26.58 1.12 9.33
C MET A 360 -26.20 2.59 9.24
N ALA A 361 -27.25 3.42 9.22
CA ALA A 361 -27.11 4.86 9.41
C ALA A 361 -26.25 5.53 8.36
N ASN A 362 -26.15 4.95 7.18
CA ASN A 362 -25.42 5.61 6.11
C ASN A 362 -26.28 6.74 5.56
N GLY A 363 -25.63 7.73 4.95
CA GLY A 363 -26.33 8.89 4.46
C GLY A 363 -27.36 8.57 3.38
N LEU A 364 -27.05 7.57 2.56
CA LEU A 364 -27.92 7.21 1.42
C LEU A 364 -28.50 5.80 1.58
N MET A 365 -28.31 4.95 0.57
CA MET A 365 -28.76 3.55 0.67
C MET A 365 -27.81 2.71 1.50
N GLY A 366 -28.33 1.62 2.05
CA GLY A 366 -27.51 0.69 2.81
C GLY A 366 -26.69 -0.06 1.79
N VAL A 367 -27.38 -0.70 0.86
CA VAL A 367 -26.74 -1.36 -0.28
C VAL A 367 -27.30 -0.79 -1.57
N TYR A 368 -26.40 -0.45 -2.50
CA TYR A 368 -26.79 0.16 -3.76
C TYR A 368 -26.02 -0.47 -4.91
N GLY A 369 -26.74 -1.04 -5.88
CA GLY A 369 -26.11 -1.64 -7.04
C GLY A 369 -26.60 -1.01 -8.33
N HIS A 370 -25.66 -0.62 -9.21
CA HIS A 370 -26.04 -0.01 -10.49
C HIS A 370 -25.12 -0.37 -11.65
N ILE A 371 -25.49 0.09 -12.85
CA ILE A 371 -24.65 -0.04 -14.04
C ILE A 371 -24.38 1.32 -14.67
N LYS A 372 -23.30 1.41 -15.44
CA LYS A 372 -22.92 2.69 -16.07
C LYS A 372 -22.05 2.45 -17.28
N ASP A 373 -22.48 2.99 -18.43
CA ASP A 373 -21.69 2.89 -19.65
C ASP A 373 -20.45 3.75 -19.50
N LEU A 374 -19.27 3.14 -19.61
CA LEU A 374 -18.02 3.85 -19.34
C LEU A 374 -17.15 4.06 -20.58
N ASN A 375 -17.76 4.05 -21.77
CA ASN A 375 -16.99 4.07 -23.02
C ASN A 375 -16.31 5.41 -23.41
N ASP A 376 -17.11 6.45 -23.62
CA ASP A 376 -16.52 7.76 -23.94
C ASP A 376 -16.15 8.48 -22.65
N THR A 377 -15.24 7.88 -21.88
CA THR A 377 -14.68 8.49 -20.66
C THR A 377 -13.15 8.31 -20.60
N ASP A 378 -12.56 8.70 -19.47
CA ASP A 378 -11.10 8.62 -19.28
C ASP A 378 -10.57 7.19 -19.24
N ARG A 379 -11.49 6.24 -19.15
CA ARG A 379 -11.14 4.84 -19.01
C ARG A 379 -10.50 4.25 -20.27
N ASP A 380 -9.32 3.67 -20.09
CA ASP A 380 -8.65 2.88 -21.11
C ASP A 380 -9.39 1.56 -21.22
N ILE A 381 -10.41 1.52 -22.08
CA ILE A 381 -11.23 0.31 -22.30
C ILE A 381 -10.36 -0.87 -22.72
N GLU A 382 -9.21 -0.57 -23.31
CA GLU A 382 -8.33 -1.63 -23.79
C GLU A 382 -7.64 -2.34 -22.61
N LEU A 383 -7.14 -1.54 -21.67
CA LEU A 383 -6.42 -2.05 -20.51
C LEU A 383 -7.41 -2.62 -19.49
N ASP A 384 -8.44 -1.81 -19.22
CA ASP A 384 -9.45 -2.12 -18.21
C ASP A 384 -10.84 -2.28 -18.83
N PRO A 385 -11.11 -3.46 -19.39
CA PRO A 385 -12.47 -3.65 -19.93
C PRO A 385 -13.51 -3.73 -18.80
N PHE A 386 -14.78 -3.59 -19.19
CA PHE A 386 -15.88 -3.67 -18.27
C PHE A 386 -17.11 -4.21 -18.98
N ASP A 387 -18.12 -4.55 -18.20
CA ASP A 387 -19.40 -4.96 -18.74
C ASP A 387 -20.51 -4.35 -17.87
N ALA A 388 -21.39 -3.57 -18.49
CA ALA A 388 -22.45 -2.89 -17.75
C ALA A 388 -23.57 -3.84 -17.34
N GLN A 389 -23.25 -4.72 -16.40
CA GLN A 389 -24.23 -5.60 -15.81
C GLN A 389 -23.90 -5.77 -14.34
N VAL A 390 -24.93 -5.76 -13.50
CA VAL A 390 -24.76 -5.95 -12.06
C VAL A 390 -25.64 -7.10 -11.57
N SER A 391 -25.07 -8.01 -10.79
CA SER A 391 -25.86 -9.07 -10.13
C SER A 391 -25.30 -9.37 -8.75
N LEU A 392 -26.18 -9.62 -7.79
CA LEU A 392 -25.71 -9.99 -6.45
C LEU A 392 -26.62 -10.94 -5.68
N ILE A 393 -26.00 -11.79 -4.85
CA ILE A 393 -26.70 -12.66 -3.89
C ILE A 393 -26.60 -12.03 -2.51
N MET A 394 -27.74 -11.75 -1.87
CA MET A 394 -27.71 -11.18 -0.53
C MET A 394 -28.32 -12.12 0.50
N VAL A 395 -27.53 -12.51 1.49
CA VAL A 395 -27.95 -13.45 2.51
C VAL A 395 -27.65 -12.98 3.94
N GLY A 396 -28.71 -12.85 4.73
CA GLY A 396 -28.59 -12.55 6.13
C GLY A 396 -28.32 -11.09 6.36
N GLY A 397 -27.59 -10.81 7.43
CA GLY A 397 -27.23 -9.47 7.82
C GLY A 397 -28.39 -8.54 8.12
N GLU A 398 -28.10 -7.26 8.16
CA GLU A 398 -29.12 -6.25 8.42
C GLU A 398 -28.87 -4.93 7.66
N LEU A 399 -29.96 -4.34 7.15
CA LEU A 399 -29.95 -2.99 6.60
C LEU A 399 -30.90 -2.12 7.42
N SER A 400 -30.37 -1.12 8.14
CA SER A 400 -31.19 -0.34 9.06
C SER A 400 -30.85 1.14 9.11
N SER A 401 -31.89 1.95 9.33
CA SER A 401 -31.78 3.41 9.45
C SER A 401 -30.80 4.12 8.50
N ASN A 402 -30.76 3.70 7.24
CA ASN A 402 -30.05 4.47 6.24
C ASN A 402 -30.96 5.58 5.73
N GLY A 403 -30.35 6.66 5.24
CA GLY A 403 -31.08 7.86 4.89
C GLY A 403 -32.06 7.65 3.76
N SER A 404 -31.60 6.98 2.71
CA SER A 404 -32.40 6.85 1.49
C SER A 404 -33.16 5.52 1.40
N GLY A 405 -32.87 4.59 2.29
CA GLY A 405 -33.55 3.31 2.28
C GLY A 405 -32.59 2.15 2.41
N PRO A 406 -33.13 0.95 2.71
CA PRO A 406 -32.29 -0.23 2.89
C PRO A 406 -31.47 -0.53 1.63
N LEU A 407 -32.14 -0.81 0.53
CA LEU A 407 -31.44 -1.11 -0.71
C LEU A 407 -32.12 -0.56 -1.95
N SER A 408 -31.33 -0.44 -2.99
CA SER A 408 -31.79 -0.03 -4.31
C SER A 408 -30.87 -0.67 -5.32
N ILE A 409 -31.44 -1.39 -6.27
CA ILE A 409 -30.62 -1.99 -7.30
C ILE A 409 -31.25 -1.71 -8.65
N ASP A 410 -30.58 -0.85 -9.41
CA ASP A 410 -31.08 -0.43 -10.71
C ASP A 410 -30.72 -1.45 -11.79
N SER A 411 -31.70 -1.75 -12.65
CA SER A 411 -31.52 -2.66 -13.79
C SER A 411 -30.66 -3.90 -13.52
N PRO A 412 -30.91 -4.58 -12.40
CA PRO A 412 -30.06 -5.75 -12.14
C PRO A 412 -30.28 -6.87 -13.16
N LEU A 413 -29.23 -7.62 -13.46
CA LEU A 413 -29.34 -8.86 -14.22
C LEU A 413 -30.04 -9.90 -13.36
N SER A 414 -29.73 -9.84 -12.07
CA SER A 414 -30.22 -10.79 -11.10
C SER A 414 -29.91 -10.25 -9.73
N VAL A 415 -30.87 -10.40 -8.82
CA VAL A 415 -30.64 -10.19 -7.40
C VAL A 415 -31.44 -11.23 -6.67
N GLU A 416 -30.80 -11.93 -5.74
CA GLU A 416 -31.53 -12.82 -4.86
C GLU A 416 -31.33 -12.37 -3.43
N LEU A 417 -32.41 -12.33 -2.65
CA LEU A 417 -32.36 -11.94 -1.24
C LEU A 417 -32.90 -13.07 -0.38
N TYR A 418 -32.14 -13.47 0.62
CA TYR A 418 -32.58 -14.51 1.54
C TYR A 418 -32.36 -14.07 2.98
N ARG A 419 -33.43 -14.17 3.77
CA ARG A 419 -33.45 -13.85 5.22
C ARG A 419 -32.66 -12.62 5.65
N VAL A 420 -32.77 -11.54 4.88
CA VAL A 420 -32.13 -10.27 5.23
C VAL A 420 -33.04 -9.46 6.14
N SER A 421 -32.46 -8.88 7.19
CA SER A 421 -33.20 -8.07 8.14
C SER A 421 -33.28 -6.62 7.66
N MET A 422 -34.48 -6.07 7.64
CA MET A 422 -34.70 -4.70 7.15
C MET A 422 -35.69 -3.96 8.06
N LEU A 423 -35.17 -3.28 9.07
CA LEU A 423 -36.01 -2.74 10.15
C LEU A 423 -36.65 -1.39 9.84
N MET A 424 -37.93 -1.26 10.23
CA MET A 424 -38.73 -0.05 9.97
C MET A 424 -38.90 0.83 11.22
#